data_5L58
#
_entry.id   5L58
#
_cell.length_a   72.166
_cell.length_b   72.166
_cell.length_c   179.829
_cell.angle_alpha   90.00
_cell.angle_beta   90.00
_cell.angle_gamma   90.00
#
_symmetry.space_group_name_H-M   'P 43 21 2'
#
loop_
_entity.id
_entity.type
_entity.pdbx_description
1 polymer 'Isocitrate dehydrogenase [NADP] cytoplasmic'
2 non-polymer 'NADPH DIHYDRO-NICOTINAMIDE-ADENINE-DINUCLEOTIDE PHOSPHATE'
3 non-polymer '2-[(3~{R})-1-[6-cyclohexylsulfanyl-5-[[(1~{R},3~{S})-5-oxidanyl-2-adamantyl]carbamoyl]pyridin-2-yl]pyrrolidin-3-yl]ethanoic acid'
#
_entity_poly.entity_id   1
_entity_poly.type   'polypeptide(L)'
_entity_poly.pdbx_seq_one_letter_code
;MSKKISGGSVVEMQGDEMTRIIWELIKEKLIFPYVELDLHSYDLGIENRDATNDQVTKDAAEAIKKHNVGVKCATITPDA
ARVEEFKLKQMWKSPNGTIRNILGGTVFREAIICKNIPRLVSGWVKPIIIGHHAYGDQYRATDFVVPGPGKVEITYTPSD
GTQKVTYLVHNFEEGGGVAMGMYNQDKSIEDFAHSSFQMALSKGWPLYLSTKNTILKKYDGRFKDIFQEIYDKQYKSQFA
AAAIWYEHRLIDDMVAQAMKSEGGFIWACKNYDGDVQSDSVAQGYGSLGMMTSVLVCPDGKTVEAEAAHGTVTRHYRMYQ
KGQETSTNPIASIFAWTRGLAHRAKLDNNKELAFFANALEEVSIETIEAGFMTKDLAACIKGLPNVQRSDYLNTFEFMDK
LGENLKIKLAQAKL
;
_entity_poly.pdbx_strand_id   A
#
loop_
_chem_comp.id
_chem_comp.type
_chem_comp.name
_chem_comp.formula
6MX non-polymer '2-[(3~{R})-1-[6-cyclohexylsulfanyl-5-[[(1~{R},3~{S})-5-oxidanyl-2-adamantyl]carbamoyl]pyridin-2-yl]pyrrolidin-3-yl]ethanoic acid' 'C28 H39 N3 O4 S'
NDP non-polymer 'NADPH DIHYDRO-NICOTINAMIDE-ADENINE-DINUCLEOTIDE PHOSPHATE' 'C21 H30 N7 O17 P3'
#
# COMPACT_ATOMS: atom_id res chain seq x y z
N LYS A 3 9.81 3.11 29.81
CA LYS A 3 10.74 2.55 28.83
C LYS A 3 10.02 2.19 27.53
N LYS A 4 10.72 2.38 26.41
CA LYS A 4 10.13 2.14 25.11
C LYS A 4 9.88 0.65 24.87
N ILE A 5 8.94 0.37 23.97
CA ILE A 5 8.64 -1.01 23.60
C ILE A 5 9.79 -1.59 22.79
N SER A 6 10.03 -2.89 22.96
CA SER A 6 11.03 -3.59 22.15
C SER A 6 10.37 -3.99 20.83
N GLY A 7 10.58 -3.17 19.80
CA GLY A 7 9.92 -3.38 18.52
C GLY A 7 10.41 -4.60 17.76
N GLY A 8 11.70 -4.64 17.45
CA GLY A 8 12.25 -5.76 16.71
C GLY A 8 12.94 -5.33 15.43
N SER A 9 13.14 -6.26 14.50
CA SER A 9 13.83 -6.00 13.26
C SER A 9 12.84 -5.50 12.21
N VAL A 10 13.05 -4.28 11.72
CA VAL A 10 12.21 -3.67 10.70
C VAL A 10 13.12 -3.05 9.64
N VAL A 11 12.80 -3.30 8.38
CA VAL A 11 13.59 -2.77 7.26
C VAL A 11 12.97 -1.45 6.83
N GLU A 12 13.75 -0.37 6.95
CA GLU A 12 13.31 0.97 6.57
C GLU A 12 13.85 1.35 5.20
N MET A 13 13.02 2.04 4.42
CA MET A 13 13.40 2.50 3.09
C MET A 13 12.98 3.97 2.96
N GLN A 14 13.96 4.87 3.04
CA GLN A 14 13.70 6.29 2.98
C GLN A 14 13.40 6.71 1.54
N GLY A 15 12.54 7.72 1.41
CA GLY A 15 12.07 8.13 0.09
C GLY A 15 12.61 9.47 -0.38
N ASP A 16 11.76 10.22 -1.08
CA ASP A 16 12.16 11.47 -1.72
C ASP A 16 11.13 12.56 -1.46
N GLU A 17 11.64 13.78 -1.30
CA GLU A 17 10.87 15.02 -1.38
C GLU A 17 9.88 15.11 -0.22
N MET A 18 8.61 15.42 -0.48
CA MET A 18 7.65 15.70 0.59
C MET A 18 7.44 14.49 1.47
N THR A 19 7.24 13.31 0.85
CA THR A 19 7.08 12.09 1.64
C THR A 19 8.34 11.75 2.43
N ARG A 20 9.50 12.23 2.01
CA ARG A 20 10.71 12.09 2.82
C ARG A 20 10.63 12.98 4.06
N ILE A 21 10.21 14.23 3.87
CA ILE A 21 10.01 15.13 5.01
C ILE A 21 9.01 14.53 5.99
N ILE A 22 7.85 14.08 5.49
CA ILE A 22 6.84 13.46 6.33
C ILE A 22 7.41 12.21 6.99
N TRP A 23 8.26 11.47 6.27
CA TRP A 23 8.83 10.25 6.82
C TRP A 23 9.66 10.55 8.06
N GLU A 24 10.56 11.54 7.97
CA GLU A 24 11.36 11.90 9.13
C GLU A 24 10.49 12.46 10.25
N LEU A 25 9.46 13.24 9.91
CA LEU A 25 8.56 13.77 10.93
C LEU A 25 7.87 12.64 11.69
N ILE A 26 7.38 11.63 10.98
CA ILE A 26 6.70 10.51 11.63
C ILE A 26 7.69 9.70 12.46
N LYS A 27 8.91 9.51 11.96
CA LYS A 27 9.89 8.76 12.71
C LYS A 27 10.25 9.46 14.01
N GLU A 28 10.32 10.79 14.00
CA GLU A 28 10.74 11.52 15.18
C GLU A 28 9.59 11.82 16.14
N LYS A 29 8.35 11.87 15.66
CA LYS A 29 7.24 12.31 16.50
C LYS A 29 6.34 11.19 16.97
N LEU A 30 6.23 10.08 16.22
CA LEU A 30 5.23 9.07 16.54
C LEU A 30 5.80 7.68 16.80
N ILE A 31 7.02 7.38 16.38
CA ILE A 31 7.57 6.02 16.45
C ILE A 31 8.72 5.95 17.45
N PHE A 32 9.81 6.66 17.19
CA PHE A 32 11.00 6.53 18.03
C PHE A 32 10.78 6.92 19.49
N PRO A 33 10.00 7.94 19.85
CA PRO A 33 9.79 8.23 21.28
C PRO A 33 9.14 7.09 22.05
N TYR A 34 8.53 6.12 21.38
CA TYR A 34 7.81 5.05 22.07
C TYR A 34 8.26 3.64 21.69
N VAL A 35 9.05 3.48 20.62
CA VAL A 35 9.46 2.16 20.16
C VAL A 35 10.96 2.16 19.91
N GLU A 36 11.63 1.08 20.30
CA GLU A 36 13.05 0.85 20.06
C GLU A 36 13.16 -0.28 19.04
N LEU A 37 13.59 0.05 17.83
CA LEU A 37 13.58 -0.88 16.71
C LEU A 37 15.00 -1.26 16.30
N ASP A 38 15.14 -2.50 15.83
CA ASP A 38 16.35 -2.95 15.14
C ASP A 38 16.19 -2.54 13.67
N LEU A 39 16.37 -1.24 13.43
CA LEU A 39 16.02 -0.65 12.15
C LEU A 39 17.14 -0.84 11.15
N HIS A 40 16.86 -1.58 10.07
CA HIS A 40 17.79 -1.75 8.96
C HIS A 40 17.45 -0.69 7.92
N SER A 41 18.07 0.49 8.07
CA SER A 41 17.75 1.63 7.22
C SER A 41 18.44 1.50 5.87
N TYR A 42 17.68 1.66 4.80
CA TYR A 42 18.20 1.67 3.44
C TYR A 42 17.71 2.94 2.76
N ASP A 43 18.63 3.82 2.39
CA ASP A 43 18.28 5.10 1.79
C ASP A 43 18.00 4.89 0.30
N LEU A 44 16.72 4.78 -0.05
CA LEU A 44 16.30 4.65 -1.44
C LEU A 44 16.12 5.99 -2.13
N GLY A 45 16.82 7.03 -1.67
CA GLY A 45 16.76 8.31 -2.35
C GLY A 45 17.31 8.22 -3.76
N ILE A 46 16.80 9.09 -4.63
CA ILE A 46 17.18 9.06 -6.04
C ILE A 46 18.68 9.32 -6.20
N GLU A 47 19.25 10.16 -5.34
CA GLU A 47 20.69 10.40 -5.39
C GLU A 47 21.47 9.16 -4.96
N ASN A 48 21.02 8.49 -3.89
CA ASN A 48 21.70 7.29 -3.43
C ASN A 48 21.44 6.12 -4.38
N ARG A 49 20.25 6.05 -4.96
CA ARG A 49 19.97 5.04 -5.98
C ARG A 49 20.88 5.22 -7.18
N ASP A 50 21.08 6.47 -7.61
CA ASP A 50 21.96 6.73 -8.75
C ASP A 50 23.42 6.48 -8.40
N ALA A 51 23.82 6.77 -7.16
CA ALA A 51 25.21 6.60 -6.78
C ALA A 51 25.60 5.13 -6.65
N THR A 52 24.64 4.27 -6.28
CA THR A 52 24.89 2.85 -6.12
C THR A 52 24.40 2.02 -7.30
N ASN A 53 24.01 2.66 -8.39
CA ASN A 53 23.48 1.98 -9.58
C ASN A 53 22.25 1.14 -9.22
N ASP A 54 21.36 1.73 -8.42
CA ASP A 54 20.10 1.12 -7.99
C ASP A 54 20.32 -0.19 -7.23
N GLN A 55 21.51 -0.39 -6.67
CA GLN A 55 21.79 -1.60 -5.91
C GLN A 55 21.15 -1.56 -4.53
N VAL A 56 21.02 -0.37 -3.94
CA VAL A 56 20.44 -0.25 -2.61
C VAL A 56 19.00 -0.74 -2.59
N THR A 57 18.30 -0.66 -3.73
CA THR A 57 16.96 -1.20 -3.81
C THR A 57 16.97 -2.73 -3.72
N LYS A 58 17.89 -3.37 -4.43
CA LYS A 58 18.04 -4.81 -4.34
C LYS A 58 18.41 -5.24 -2.92
N ASP A 59 19.38 -4.54 -2.32
CA ASP A 59 19.78 -4.85 -0.95
C ASP A 59 18.62 -4.71 0.02
N ALA A 60 17.83 -3.65 -0.13
CA ALA A 60 16.67 -3.45 0.73
C ALA A 60 15.65 -4.57 0.54
N ALA A 61 15.40 -4.97 -0.71
CA ALA A 61 14.45 -6.05 -0.96
C ALA A 61 14.92 -7.35 -0.33
N GLU A 62 16.22 -7.66 -0.45
CA GLU A 62 16.76 -8.85 0.20
C GLU A 62 16.62 -8.75 1.72
N ALA A 63 16.78 -7.54 2.27
CA ALA A 63 16.61 -7.36 3.70
C ALA A 63 15.16 -7.63 4.12
N ILE A 64 14.20 -7.21 3.30
CA ILE A 64 12.80 -7.52 3.57
C ILE A 64 12.57 -9.02 3.50
N LYS A 65 13.22 -9.69 2.53
CA LYS A 65 13.08 -11.13 2.44
C LYS A 65 13.67 -11.83 3.65
N LYS A 66 14.68 -11.23 4.29
CA LYS A 66 15.28 -11.84 5.45
C LYS A 66 14.49 -11.58 6.73
N HIS A 67 14.04 -10.35 6.94
CA HIS A 67 13.40 -9.96 8.19
C HIS A 67 11.88 -9.90 8.09
N ASN A 68 11.29 -10.29 6.96
CA ASN A 68 9.87 -10.48 6.77
C ASN A 68 9.03 -9.22 6.96
N VAL A 69 9.64 -8.08 7.28
CA VAL A 69 8.91 -6.83 7.52
C VAL A 69 9.61 -5.70 6.78
N GLY A 70 8.86 -4.96 5.98
CA GLY A 70 9.40 -3.79 5.32
C GLY A 70 8.46 -2.60 5.38
N VAL A 71 9.01 -1.40 5.56
CA VAL A 71 8.23 -0.17 5.53
C VAL A 71 8.93 0.79 4.57
N LYS A 72 8.23 1.19 3.52
CA LYS A 72 8.82 1.95 2.43
C LYS A 72 8.17 3.32 2.31
N CYS A 73 9.00 4.33 2.08
CA CYS A 73 8.53 5.67 1.75
C CYS A 73 8.40 5.82 0.24
N ALA A 74 7.64 6.84 -0.16
CA ALA A 74 7.43 7.09 -1.58
C ALA A 74 8.73 7.52 -2.26
N THR A 75 9.09 6.83 -3.33
CA THR A 75 10.30 7.13 -4.09
C THR A 75 9.93 7.78 -5.42
N ILE A 76 10.95 8.14 -6.19
CA ILE A 76 10.77 8.77 -7.49
C ILE A 76 11.02 7.73 -8.57
N THR A 77 10.02 7.50 -9.41
CA THR A 77 10.19 6.69 -10.61
C THR A 77 10.66 7.62 -11.72
N PRO A 78 11.95 7.60 -12.07
CA PRO A 78 12.51 8.66 -12.92
C PRO A 78 12.10 8.52 -14.38
N ASP A 79 11.87 9.66 -15.01
CA ASP A 79 11.70 9.74 -16.46
C ASP A 79 12.82 10.58 -17.05
N ALA A 80 12.62 11.11 -18.26
CA ALA A 80 13.64 11.94 -18.88
C ALA A 80 13.84 13.24 -18.09
N ALA A 81 12.74 13.89 -17.71
CA ALA A 81 12.84 15.12 -16.93
C ALA A 81 13.53 14.87 -15.60
N ARG A 82 13.32 13.70 -15.00
CA ARG A 82 14.04 13.36 -13.78
C ARG A 82 15.51 13.09 -14.07
N VAL A 83 15.83 12.51 -15.23
CA VAL A 83 17.22 12.31 -15.61
C VAL A 83 17.93 13.66 -15.71
N GLU A 84 17.22 14.68 -16.20
CA GLU A 84 17.82 16.01 -16.27
C GLU A 84 17.88 16.66 -14.89
N GLU A 85 16.87 16.44 -14.05
CA GLU A 85 16.78 17.15 -12.78
C GLU A 85 17.91 16.75 -11.83
N PHE A 86 18.26 15.46 -11.80
CA PHE A 86 19.28 14.97 -10.90
C PHE A 86 20.55 14.53 -11.60
N LYS A 87 20.64 14.73 -12.92
CA LYS A 87 21.78 14.27 -13.72
C LYS A 87 22.05 12.78 -13.49
N LEU A 88 21.00 11.99 -13.72
CA LEU A 88 21.07 10.56 -13.46
C LEU A 88 21.90 9.85 -14.52
N LYS A 89 22.64 8.82 -14.10
CA LYS A 89 23.42 8.00 -15.01
C LYS A 89 22.55 7.16 -15.92
N GLN A 90 21.27 7.01 -15.61
CA GLN A 90 20.36 6.15 -16.37
C GLN A 90 18.94 6.45 -15.88
N MET A 91 17.96 6.00 -16.66
CA MET A 91 16.56 6.12 -16.26
C MET A 91 16.21 4.86 -15.46
N TRP A 92 16.40 4.95 -14.15
CA TRP A 92 16.28 3.79 -13.29
C TRP A 92 14.84 3.27 -13.25
N LYS A 93 14.72 1.96 -13.01
CA LYS A 93 13.41 1.33 -12.95
C LYS A 93 12.68 1.72 -11.66
N SER A 94 11.40 1.37 -11.62
CA SER A 94 10.61 1.64 -10.43
C SER A 94 11.09 0.77 -9.28
N PRO A 95 11.41 1.35 -8.12
CA PRO A 95 11.81 0.53 -6.97
C PRO A 95 10.72 -0.41 -6.51
N ASN A 96 9.45 0.00 -6.61
CA ASN A 96 8.35 -0.86 -6.21
C ASN A 96 8.28 -2.12 -7.08
N GLY A 97 8.58 -1.97 -8.37
CA GLY A 97 8.59 -3.13 -9.25
C GLY A 97 9.78 -4.04 -9.02
N THR A 98 10.92 -3.48 -8.65
CA THR A 98 12.09 -4.30 -8.35
C THR A 98 11.89 -5.08 -7.05
N ILE A 99 11.44 -4.39 -5.99
CA ILE A 99 11.16 -5.07 -4.73
C ILE A 99 10.05 -6.10 -4.91
N ARG A 100 9.00 -5.73 -5.65
CA ARG A 100 7.90 -6.66 -5.88
C ARG A 100 8.36 -7.87 -6.71
N ASN A 101 9.33 -7.67 -7.60
CA ASN A 101 9.85 -8.79 -8.38
C ASN A 101 10.73 -9.70 -7.53
N ILE A 102 11.54 -9.12 -6.64
CA ILE A 102 12.43 -9.92 -5.81
C ILE A 102 11.63 -10.71 -4.78
N LEU A 103 10.63 -10.08 -4.16
CA LEU A 103 9.85 -10.75 -3.13
C LEU A 103 8.71 -11.58 -3.69
N GLY A 104 8.11 -11.16 -4.80
CA GLY A 104 6.90 -11.79 -5.27
C GLY A 104 5.68 -11.27 -4.53
N GLY A 105 4.62 -12.06 -4.56
CA GLY A 105 3.42 -11.71 -3.84
C GLY A 105 2.50 -10.79 -4.64
N THR A 106 1.61 -10.12 -3.91
CA THR A 106 0.58 -9.29 -4.51
C THR A 106 0.40 -8.02 -3.68
N VAL A 107 0.25 -6.89 -4.37
CA VAL A 107 0.05 -5.60 -3.73
C VAL A 107 -1.44 -5.40 -3.48
N PHE A 108 -1.79 -5.04 -2.24
CA PHE A 108 -3.16 -4.78 -1.85
C PHE A 108 -3.29 -3.33 -1.39
N ARG A 109 -4.29 -2.64 -1.92
CA ARG A 109 -4.54 -1.24 -1.60
C ARG A 109 -5.85 -1.09 -0.85
N GLU A 110 -5.83 -0.25 0.18
CA GLU A 110 -6.99 -0.03 1.04
C GLU A 110 -7.03 1.42 1.49
N ALA A 111 -8.20 2.04 1.41
CA ALA A 111 -8.38 3.41 1.86
C ALA A 111 -8.77 3.44 3.34
N ILE A 112 -8.26 4.43 4.06
CA ILE A 112 -8.59 4.59 5.47
C ILE A 112 -9.93 5.32 5.59
N ILE A 113 -10.82 4.76 6.40
CA ILE A 113 -12.20 5.25 6.49
C ILE A 113 -12.34 6.18 7.68
N CYS A 114 -12.94 7.34 7.46
CA CYS A 114 -13.35 8.24 8.51
C CYS A 114 -14.82 8.58 8.31
N LYS A 115 -15.55 8.76 9.41
CA LYS A 115 -16.99 8.95 9.33
C LYS A 115 -17.35 10.27 8.67
N ASN A 116 -16.58 11.33 8.94
CA ASN A 116 -16.88 12.65 8.40
C ASN A 116 -16.26 12.87 7.03
N ILE A 117 -15.47 11.93 6.53
CA ILE A 117 -14.85 12.03 5.20
C ILE A 117 -15.73 11.25 4.22
N PRO A 118 -16.44 11.91 3.31
CA PRO A 118 -17.33 11.19 2.39
C PRO A 118 -16.55 10.28 1.46
N ARG A 119 -17.15 9.13 1.15
CA ARG A 119 -16.57 8.16 0.25
C ARG A 119 -17.27 8.23 -1.11
N LEU A 120 -16.78 7.41 -2.05
CA LEU A 120 -17.30 7.46 -3.42
C LEU A 120 -18.76 7.03 -3.47
N VAL A 121 -19.15 6.06 -2.64
CA VAL A 121 -20.53 5.60 -2.54
C VAL A 121 -20.96 5.72 -1.08
N SER A 122 -22.13 6.32 -0.86
CA SER A 122 -22.61 6.53 0.50
C SER A 122 -22.89 5.21 1.21
N GLY A 123 -23.35 4.20 0.48
CA GLY A 123 -23.69 2.92 1.07
C GLY A 123 -22.50 2.16 1.63
N TRP A 124 -21.27 2.55 1.28
CA TRP A 124 -20.10 1.85 1.77
C TRP A 124 -19.86 2.17 3.23
N VAL A 125 -19.69 1.12 4.04
CA VAL A 125 -19.47 1.25 5.48
C VAL A 125 -18.16 0.63 5.92
N LYS A 126 -17.78 -0.49 5.33
CA LYS A 126 -16.60 -1.26 5.70
C LYS A 126 -15.53 -1.17 4.63
N PRO A 127 -14.25 -1.36 5.00
CA PRO A 127 -13.17 -1.14 4.03
C PRO A 127 -13.18 -2.15 2.89
N ILE A 128 -12.86 -1.67 1.70
CA ILE A 128 -12.77 -2.49 0.50
C ILE A 128 -11.30 -2.55 0.10
N ILE A 129 -10.69 -3.73 0.20
CA ILE A 129 -9.29 -3.91 -0.15
C ILE A 129 -9.23 -4.49 -1.56
N ILE A 130 -8.36 -3.94 -2.41
CA ILE A 130 -8.29 -4.33 -3.81
C ILE A 130 -6.85 -4.68 -4.16
N GLY A 131 -6.66 -5.86 -4.74
CA GLY A 131 -5.35 -6.28 -5.19
C GLY A 131 -5.41 -6.82 -6.61
N HIS A 132 -4.30 -6.65 -7.32
CA HIS A 132 -4.22 -7.03 -8.73
C HIS A 132 -3.05 -7.98 -8.96
N HIS A 133 -3.16 -8.77 -10.02
CA HIS A 133 -2.12 -9.72 -10.39
C HIS A 133 -1.05 -9.01 -11.21
N ALA A 134 0.17 -8.94 -10.69
CA ALA A 134 1.26 -8.29 -11.37
C ALA A 134 1.87 -9.22 -12.42
N TYR A 135 2.85 -8.72 -13.15
CA TYR A 135 3.53 -9.49 -14.18
C TYR A 135 4.70 -10.27 -13.58
N GLY A 136 5.92 -9.77 -13.77
CA GLY A 136 7.10 -10.43 -13.24
C GLY A 136 7.42 -11.74 -13.94
N ALA A 141 4.87 -11.31 -22.25
CA ALA A 141 4.05 -10.51 -23.15
C ALA A 141 4.91 -9.73 -24.14
N THR A 142 4.78 -10.07 -25.42
CA THR A 142 5.51 -9.42 -26.49
C THR A 142 4.52 -8.70 -27.41
N ASP A 143 4.86 -7.46 -27.77
CA ASP A 143 3.97 -6.60 -28.53
C ASP A 143 4.75 -6.05 -29.72
N PHE A 144 4.31 -6.39 -30.93
CA PHE A 144 4.96 -5.91 -32.14
C PHE A 144 3.91 -5.57 -33.19
N VAL A 145 4.35 -4.91 -34.24
CA VAL A 145 3.47 -4.42 -35.30
C VAL A 145 3.69 -5.25 -36.57
N VAL A 146 2.60 -5.61 -37.22
CA VAL A 146 2.64 -6.36 -38.48
C VAL A 146 2.45 -5.37 -39.63
N PRO A 147 3.38 -5.29 -40.57
CA PRO A 147 3.27 -4.28 -41.64
C PRO A 147 2.16 -4.54 -42.63
N GLY A 148 2.14 -5.74 -43.22
CA GLY A 148 1.15 -6.09 -44.20
C GLY A 148 0.68 -7.52 -44.10
N PRO A 149 -0.02 -8.00 -45.13
CA PRO A 149 -0.54 -9.38 -45.19
C PRO A 149 0.57 -10.43 -45.14
N GLU A 153 1.35 -16.85 -36.34
CA GLU A 153 1.26 -18.11 -35.60
C GLU A 153 2.03 -18.06 -34.29
N ILE A 154 1.73 -19.01 -33.41
CA ILE A 154 2.41 -19.12 -32.12
C ILE A 154 2.72 -20.59 -31.88
N THR A 155 3.97 -20.89 -31.52
CA THR A 155 4.40 -22.27 -31.30
C THR A 155 5.00 -22.46 -29.92
N THR A 166 2.04 -25.97 -32.32
CA THR A 166 1.99 -24.75 -33.12
C THR A 166 0.55 -24.39 -33.47
N TYR A 167 0.10 -23.24 -32.98
CA TYR A 167 -1.26 -22.77 -33.21
C TYR A 167 -1.24 -21.53 -34.11
N LEU A 168 -2.32 -21.35 -34.85
CA LEU A 168 -2.46 -20.23 -35.78
C LEU A 168 -3.22 -19.09 -35.10
N VAL A 169 -2.75 -17.86 -35.33
CA VAL A 169 -3.38 -16.69 -34.76
C VAL A 169 -4.26 -16.00 -35.80
N GLY A 176 -2.27 -4.62 -42.74
CA GLY A 176 -1.41 -4.76 -41.58
C GLY A 176 -2.17 -4.66 -40.26
N GLY A 177 -1.44 -4.81 -39.16
CA GLY A 177 -2.07 -4.75 -37.85
C GLY A 177 -1.07 -4.73 -36.71
N VAL A 178 -1.51 -5.19 -35.54
CA VAL A 178 -0.66 -5.28 -34.35
C VAL A 178 -0.87 -6.65 -33.73
N ALA A 179 0.23 -7.35 -33.46
CA ALA A 179 0.19 -8.69 -32.88
C ALA A 179 0.94 -8.70 -31.54
N MET A 180 0.34 -9.37 -30.56
CA MET A 180 0.94 -9.50 -29.24
C MET A 180 0.65 -10.90 -28.70
N GLY A 181 1.65 -11.49 -28.06
CA GLY A 181 1.51 -12.81 -27.48
C GLY A 181 2.07 -12.87 -26.07
N MET A 182 1.28 -13.38 -25.12
CA MET A 182 1.67 -13.41 -23.72
C MET A 182 1.65 -14.84 -23.20
N TYR A 183 2.47 -15.10 -22.18
CA TYR A 183 2.56 -16.40 -21.54
C TYR A 183 2.59 -16.20 -20.03
N ASN A 184 1.74 -16.93 -19.32
CA ASN A 184 1.60 -16.80 -17.88
C ASN A 184 1.76 -18.17 -17.24
N GLN A 185 2.81 -18.33 -16.44
CA GLN A 185 3.04 -19.60 -15.77
C GLN A 185 2.03 -19.82 -14.65
N ASP A 186 1.86 -21.08 -14.27
CA ASP A 186 0.98 -21.42 -13.16
C ASP A 186 1.54 -20.96 -11.82
N LYS A 187 2.86 -20.76 -11.72
CA LYS A 187 3.46 -20.35 -10.46
C LYS A 187 2.97 -18.96 -10.06
N SER A 188 2.76 -18.08 -11.03
CA SER A 188 2.23 -16.75 -10.72
C SER A 188 0.77 -16.83 -10.27
N ILE A 189 0.01 -17.77 -10.81
CA ILE A 189 -1.37 -17.95 -10.38
C ILE A 189 -1.42 -18.51 -8.96
N GLU A 190 -0.50 -19.43 -8.65
CA GLU A 190 -0.46 -19.99 -7.29
C GLU A 190 0.03 -18.96 -6.28
N ASP A 191 0.97 -18.10 -6.69
CA ASP A 191 1.43 -17.04 -5.79
C ASP A 191 0.35 -15.99 -5.58
N PHE A 192 -0.39 -15.65 -6.64
CA PHE A 192 -1.50 -14.71 -6.50
C PHE A 192 -2.59 -15.29 -5.61
N ALA A 193 -2.92 -16.57 -5.80
CA ALA A 193 -3.93 -17.21 -4.97
C ALA A 193 -3.50 -17.29 -3.52
N HIS A 194 -2.29 -17.77 -3.26
CA HIS A 194 -1.79 -17.86 -1.90
C HIS A 194 -1.74 -16.49 -1.23
N SER A 195 -1.29 -15.47 -1.96
CA SER A 195 -1.24 -14.13 -1.38
C SER A 195 -2.64 -13.61 -1.06
N SER A 196 -3.61 -13.88 -1.94
CA SER A 196 -4.97 -13.45 -1.69
C SER A 196 -5.57 -14.14 -0.47
N PHE A 197 -5.34 -15.46 -0.35
CA PHE A 197 -5.88 -16.20 0.79
C PHE A 197 -5.21 -15.76 2.10
N GLN A 198 -3.89 -15.54 2.06
CA GLN A 198 -3.19 -15.07 3.26
C GLN A 198 -3.66 -13.68 3.67
N MET A 199 -3.91 -12.81 2.69
CA MET A 199 -4.45 -11.49 3.00
C MET A 199 -5.85 -11.58 3.60
N ALA A 200 -6.71 -12.40 3.00
CA ALA A 200 -8.07 -12.53 3.51
C ALA A 200 -8.07 -13.12 4.93
N LEU A 201 -7.17 -14.07 5.19
CA LEU A 201 -7.06 -14.62 6.55
C LEU A 201 -6.51 -13.57 7.52
N SER A 202 -5.59 -12.74 7.05
CA SER A 202 -4.99 -11.74 7.93
C SER A 202 -6.01 -10.66 8.33
N LYS A 203 -6.69 -10.07 7.34
CA LYS A 203 -7.63 -9.00 7.65
C LYS A 203 -8.94 -9.52 8.22
N GLY A 204 -9.32 -10.76 7.91
CA GLY A 204 -10.57 -11.29 8.39
C GLY A 204 -11.78 -10.89 7.56
N TRP A 205 -11.58 -10.59 6.27
CA TRP A 205 -12.65 -10.24 5.36
C TRP A 205 -12.83 -11.34 4.31
N PRO A 206 -14.04 -11.50 3.78
CA PRO A 206 -14.25 -12.50 2.72
C PRO A 206 -13.53 -12.10 1.44
N LEU A 207 -13.06 -13.12 0.73
CA LEU A 207 -12.31 -12.93 -0.51
C LEU A 207 -13.21 -13.17 -1.72
N TYR A 208 -13.07 -12.32 -2.73
CA TYR A 208 -13.79 -12.45 -3.98
C TYR A 208 -12.81 -12.31 -5.14
N LEU A 209 -12.80 -13.29 -6.04
CA LEU A 209 -11.98 -13.24 -7.24
C LEU A 209 -12.83 -12.85 -8.43
N SER A 210 -12.29 -11.96 -9.26
CA SER A 210 -12.98 -11.48 -10.45
C SER A 210 -12.15 -11.80 -11.69
N THR A 211 -12.78 -12.44 -12.67
CA THR A 211 -12.14 -12.74 -13.94
C THR A 211 -13.10 -12.30 -15.06
N LYS A 212 -12.93 -12.89 -16.24
CA LYS A 212 -13.77 -12.57 -17.38
C LYS A 212 -14.14 -13.82 -18.17
N LYS A 218 -11.05 -18.81 -22.04
CA LYS A 218 -10.48 -20.14 -21.89
C LYS A 218 -9.30 -20.13 -20.94
N TYR A 219 -8.39 -19.16 -21.13
CA TYR A 219 -7.24 -19.04 -20.24
C TYR A 219 -7.68 -18.73 -18.82
N ASP A 220 -8.72 -17.90 -18.68
CA ASP A 220 -9.25 -17.56 -17.36
C ASP A 220 -9.88 -18.74 -16.65
N GLY A 221 -10.16 -19.84 -17.37
CA GLY A 221 -10.70 -21.03 -16.73
C GLY A 221 -9.72 -21.72 -15.82
N ARG A 222 -8.42 -21.47 -15.98
CA ARG A 222 -7.42 -22.07 -15.11
C ARG A 222 -7.29 -21.32 -13.79
N PHE A 223 -7.46 -20.00 -13.81
CA PHE A 223 -7.39 -19.22 -12.57
C PHE A 223 -8.44 -19.70 -11.57
N LYS A 224 -9.67 -19.89 -12.04
CA LYS A 224 -10.75 -20.33 -11.15
C LYS A 224 -10.48 -21.71 -10.57
N ASP A 225 -9.96 -22.63 -11.40
CA ASP A 225 -9.71 -23.99 -10.93
C ASP A 225 -8.53 -24.03 -9.96
N ILE A 226 -7.50 -23.23 -10.20
CA ILE A 226 -6.36 -23.19 -9.30
C ILE A 226 -6.74 -22.57 -7.97
N PHE A 227 -7.47 -21.45 -8.00
CA PHE A 227 -7.96 -20.84 -6.78
C PHE A 227 -8.84 -21.80 -5.99
N GLN A 228 -9.75 -22.51 -6.68
CA GLN A 228 -10.65 -23.42 -5.99
C GLN A 228 -9.90 -24.62 -5.43
N GLU A 229 -8.87 -25.11 -6.13
CA GLU A 229 -8.12 -26.25 -5.63
C GLU A 229 -7.27 -25.87 -4.42
N ILE A 230 -6.53 -24.76 -4.52
CA ILE A 230 -5.72 -24.32 -3.39
C ILE A 230 -6.62 -23.98 -2.20
N TYR A 231 -7.83 -23.47 -2.45
CA TYR A 231 -8.74 -23.17 -1.37
C TYR A 231 -9.26 -24.44 -0.71
N ASP A 232 -9.68 -25.42 -1.53
CA ASP A 232 -10.27 -26.63 -0.97
C ASP A 232 -9.23 -27.51 -0.29
N LYS A 233 -7.97 -27.44 -0.72
CA LYS A 233 -6.93 -28.32 -0.19
C LYS A 233 -6.07 -27.67 0.88
N GLN A 234 -5.93 -26.34 0.89
CA GLN A 234 -5.01 -25.68 1.80
C GLN A 234 -5.61 -24.52 2.58
N TYR A 235 -6.89 -24.19 2.37
CA TYR A 235 -7.44 -23.02 3.03
C TYR A 235 -8.91 -23.15 3.41
N LYS A 236 -9.53 -24.33 3.30
CA LYS A 236 -10.95 -24.45 3.58
C LYS A 236 -11.23 -24.34 5.08
N SER A 237 -10.57 -25.19 5.88
CA SER A 237 -10.76 -25.14 7.33
C SER A 237 -10.24 -23.85 7.94
N GLN A 238 -9.28 -23.19 7.29
CA GLN A 238 -8.77 -21.92 7.80
C GLN A 238 -9.80 -20.82 7.63
N PHE A 239 -10.39 -20.73 6.43
CA PHE A 239 -11.46 -19.75 6.20
C PHE A 239 -12.68 -20.07 7.04
N ALA A 240 -13.00 -21.35 7.21
CA ALA A 240 -14.13 -21.73 8.05
C ALA A 240 -13.89 -21.34 9.50
N ALA A 241 -12.66 -21.52 9.98
CA ALA A 241 -12.35 -21.11 11.35
C ALA A 241 -12.30 -19.60 11.50
N ALA A 242 -11.96 -18.88 10.43
CA ALA A 242 -11.90 -17.43 10.45
C ALA A 242 -13.24 -16.77 10.14
N ALA A 243 -14.31 -17.55 9.99
CA ALA A 243 -15.65 -17.05 9.72
C ALA A 243 -15.70 -16.25 8.42
N ILE A 244 -14.81 -16.56 7.48
CA ILE A 244 -14.80 -15.90 6.17
C ILE A 244 -15.07 -16.94 5.10
N TRP A 245 -15.01 -16.53 3.84
CA TRP A 245 -15.32 -17.43 2.73
C TRP A 245 -14.69 -16.87 1.46
N TYR A 246 -14.69 -17.69 0.41
CA TYR A 246 -14.16 -17.32 -0.89
C TYR A 246 -15.18 -17.64 -1.96
N GLU A 247 -15.37 -16.70 -2.89
CA GLU A 247 -16.28 -16.87 -3.99
C GLU A 247 -15.66 -16.29 -5.26
N HIS A 248 -16.13 -16.78 -6.40
CA HIS A 248 -15.67 -16.31 -7.71
C HIS A 248 -16.75 -15.45 -8.35
N ARG A 249 -16.33 -14.39 -9.04
CA ARG A 249 -17.24 -13.46 -9.68
C ARG A 249 -16.71 -13.08 -11.04
N LEU A 250 -17.61 -12.60 -11.89
CA LEU A 250 -17.24 -11.90 -13.11
C LEU A 250 -17.14 -10.41 -12.79
N ILE A 251 -16.11 -9.76 -13.35
CA ILE A 251 -15.86 -8.36 -13.02
C ILE A 251 -17.06 -7.48 -13.40
N ASP A 252 -17.78 -7.86 -14.46
CA ASP A 252 -19.01 -7.14 -14.81
C ASP A 252 -20.03 -7.23 -13.69
N ASP A 253 -20.14 -8.40 -13.06
CA ASP A 253 -20.99 -8.53 -11.89
C ASP A 253 -20.32 -7.96 -10.64
N MET A 254 -19.00 -8.04 -10.56
CA MET A 254 -18.29 -7.61 -9.35
C MET A 254 -18.41 -6.11 -9.14
N VAL A 255 -18.35 -5.33 -10.21
CA VAL A 255 -18.45 -3.88 -10.07
C VAL A 255 -19.85 -3.47 -9.64
N ALA A 256 -20.88 -3.96 -10.34
CA ALA A 256 -22.25 -3.59 -10.04
C ALA A 256 -22.64 -4.06 -8.64
N GLN A 257 -22.30 -5.30 -8.29
CA GLN A 257 -22.61 -5.80 -6.95
C GLN A 257 -21.81 -5.05 -5.89
N ALA A 258 -20.59 -4.62 -6.22
CA ALA A 258 -19.79 -3.88 -5.25
C ALA A 258 -20.34 -2.48 -5.01
N MET A 259 -20.99 -1.89 -6.03
CA MET A 259 -21.56 -0.56 -5.83
C MET A 259 -22.79 -0.60 -4.94
N LYS A 260 -23.51 -1.72 -4.88
CA LYS A 260 -24.70 -1.88 -4.07
C LYS A 260 -24.45 -2.79 -2.86
N SER A 261 -23.28 -2.66 -2.24
CA SER A 261 -22.94 -3.43 -1.07
C SER A 261 -22.36 -2.51 -0.01
N GLU A 262 -22.29 -3.02 1.22
CA GLU A 262 -21.76 -2.25 2.34
C GLU A 262 -20.24 -2.31 2.44
N GLY A 263 -19.60 -3.13 1.62
CA GLY A 263 -18.15 -3.25 1.67
C GLY A 263 -17.69 -4.32 2.64
N GLY A 264 -16.39 -4.28 2.92
CA GLY A 264 -15.79 -5.23 3.83
C GLY A 264 -15.37 -6.52 3.15
N PHE A 265 -14.46 -6.43 2.20
CA PHE A 265 -14.02 -7.62 1.49
C PHE A 265 -12.67 -7.36 0.81
N ILE A 266 -12.00 -8.48 0.49
CA ILE A 266 -10.80 -8.48 -0.32
C ILE A 266 -11.19 -8.82 -1.75
N TRP A 267 -10.61 -8.10 -2.71
CA TRP A 267 -10.97 -8.23 -4.12
C TRP A 267 -9.70 -8.57 -4.90
N ALA A 268 -9.61 -9.83 -5.33
CA ALA A 268 -8.54 -10.28 -6.20
C ALA A 268 -8.99 -10.06 -7.64
N CYS A 269 -8.34 -9.13 -8.33
CA CYS A 269 -8.67 -8.78 -9.70
C CYS A 269 -7.62 -9.33 -10.65
N LYS A 270 -8.08 -9.83 -11.80
CA LYS A 270 -7.18 -10.48 -12.75
C LYS A 270 -6.64 -9.49 -13.77
N ASN A 271 -7.27 -9.43 -14.94
CA ASN A 271 -6.87 -8.55 -16.05
C ASN A 271 -5.47 -8.90 -16.55
N TYR A 272 -4.92 -8.05 -17.41
CA TYR A 272 -3.60 -8.28 -17.97
C TYR A 272 -2.96 -6.98 -18.45
N VAL A 281 -0.42 2.96 -8.22
CA VAL A 281 -1.02 4.27 -8.07
C VAL A 281 -2.54 4.18 -8.22
N ALA A 282 -3.20 5.33 -8.23
CA ALA A 282 -4.65 5.40 -8.39
C ALA A 282 -4.97 6.70 -9.12
N GLN A 283 -6.19 7.21 -8.94
CA GLN A 283 -6.59 8.44 -9.60
C GLN A 283 -7.64 9.19 -8.80
N GLY A 284 -8.92 8.91 -9.03
CA GLY A 284 -9.98 9.66 -8.39
C GLY A 284 -11.04 8.82 -7.72
N TYR A 285 -10.63 7.90 -6.85
CA TYR A 285 -11.55 7.07 -6.06
C TYR A 285 -11.49 7.45 -4.59
N GLY A 286 -11.17 8.71 -4.29
CA GLY A 286 -10.98 9.22 -2.95
C GLY A 286 -9.72 10.02 -2.87
N SER A 287 -9.28 10.31 -1.65
CA SER A 287 -8.05 11.05 -1.42
C SER A 287 -6.88 10.09 -1.35
N LEU A 288 -5.77 10.46 -2.00
CA LEU A 288 -4.59 9.61 -2.03
C LEU A 288 -3.86 9.56 -0.70
N GLY A 289 -4.06 10.57 0.16
CA GLY A 289 -3.43 10.55 1.47
C GLY A 289 -3.98 9.50 2.42
N MET A 290 -5.14 8.94 2.10
CA MET A 290 -5.76 7.89 2.91
C MET A 290 -5.60 6.51 2.29
N MET A 291 -4.90 6.40 1.16
CA MET A 291 -4.73 5.15 0.45
C MET A 291 -3.41 4.49 0.86
N THR A 292 -3.48 3.23 1.28
CA THR A 292 -2.31 2.48 1.73
C THR A 292 -2.12 1.24 0.88
N SER A 293 -0.87 0.78 0.81
CA SER A 293 -0.48 -0.37 0.00
C SER A 293 0.33 -1.34 0.83
N VAL A 294 0.14 -2.63 0.57
CA VAL A 294 0.84 -3.70 1.29
C VAL A 294 1.12 -4.83 0.30
N LEU A 295 2.39 -5.05 -0.02
CA LEU A 295 2.82 -6.22 -0.76
C LEU A 295 2.88 -7.43 0.17
N VAL A 296 2.22 -8.51 -0.22
CA VAL A 296 2.07 -9.71 0.60
C VAL A 296 2.64 -10.89 -0.16
N CYS A 297 3.63 -11.56 0.44
CA CYS A 297 4.25 -12.73 -0.16
C CYS A 297 3.37 -13.96 0.04
N PRO A 298 3.47 -14.96 -0.85
CA PRO A 298 2.59 -16.13 -0.74
C PRO A 298 2.78 -16.92 0.54
N ASP A 299 3.96 -16.85 1.16
CA ASP A 299 4.17 -17.59 2.41
C ASP A 299 3.34 -17.04 3.56
N GLY A 300 2.84 -15.80 3.45
CA GLY A 300 2.05 -15.20 4.49
C GLY A 300 2.85 -14.61 5.64
N LYS A 301 4.17 -14.57 5.54
CA LYS A 301 5.02 -14.08 6.61
C LYS A 301 5.77 -12.80 6.27
N THR A 302 6.05 -12.56 4.99
CA THR A 302 6.77 -11.37 4.56
C THR A 302 5.79 -10.34 4.02
N VAL A 303 5.88 -9.12 4.54
CA VAL A 303 4.94 -8.05 4.19
C VAL A 303 5.73 -6.74 4.05
N GLU A 304 5.37 -5.96 3.03
CA GLU A 304 5.92 -4.61 2.85
C GLU A 304 4.77 -3.61 2.83
N ALA A 305 4.85 -2.59 3.68
CA ALA A 305 3.83 -1.56 3.77
C ALA A 305 4.39 -0.24 3.25
N GLU A 306 3.58 0.47 2.47
CA GLU A 306 4.00 1.76 1.94
C GLU A 306 2.75 2.57 1.58
N ALA A 307 2.98 3.86 1.32
CA ALA A 307 1.90 4.76 0.93
C ALA A 307 1.55 4.54 -0.54
N ALA A 308 0.24 4.48 -0.82
CA ALA A 308 -0.18 4.25 -2.20
C ALA A 308 0.06 5.47 -3.07
N HIS A 309 0.05 6.66 -2.50
CA HIS A 309 0.34 7.87 -3.25
C HIS A 309 1.83 7.98 -3.53
N GLY A 310 2.21 9.03 -4.26
CA GLY A 310 3.59 9.28 -4.58
C GLY A 310 4.25 10.25 -3.64
N THR A 311 5.36 10.85 -4.09
CA THR A 311 6.11 11.77 -3.27
C THR A 311 5.42 13.11 -3.08
N VAL A 312 4.31 13.36 -3.78
CA VAL A 312 3.60 14.64 -3.76
C VAL A 312 4.58 15.75 -4.12
N THR A 313 4.89 15.86 -5.42
CA THR A 313 5.97 16.75 -5.85
C THR A 313 5.59 18.22 -5.72
N ARG A 314 4.34 18.57 -6.05
CA ARG A 314 3.92 19.96 -6.02
C ARG A 314 4.06 20.55 -4.62
N HIS A 315 3.58 19.82 -3.61
CA HIS A 315 3.73 20.29 -2.24
C HIS A 315 5.20 20.45 -1.86
N TYR A 316 6.07 19.60 -2.42
CA TYR A 316 7.50 19.76 -2.18
C TYR A 316 8.05 21.02 -2.85
N ARG A 317 7.50 21.37 -4.02
CA ARG A 317 7.90 22.62 -4.66
C ARG A 317 7.46 23.82 -3.83
N MET A 318 6.26 23.75 -3.24
CA MET A 318 5.83 24.82 -2.33
C MET A 318 6.65 24.82 -1.05
N TYR A 319 7.20 23.66 -0.66
CA TYR A 319 8.00 23.57 0.55
C TYR A 319 9.40 24.13 0.35
N GLN A 320 9.97 23.95 -0.84
CA GLN A 320 11.31 24.46 -1.10
C GLN A 320 11.33 25.99 -1.10
N LYS A 321 10.30 26.62 -1.67
CA LYS A 321 10.22 28.07 -1.69
C LYS A 321 9.85 28.66 -0.34
N GLY A 322 9.43 27.84 0.62
CA GLY A 322 9.02 28.33 1.92
C GLY A 322 7.55 28.61 2.07
N GLN A 323 6.72 28.13 1.15
CA GLN A 323 5.28 28.36 1.21
C GLN A 323 4.61 27.30 2.08
N GLU A 324 3.43 27.67 2.61
CA GLU A 324 2.69 26.76 3.49
C GLU A 324 2.14 25.58 2.69
N THR A 325 2.34 24.37 3.21
CA THR A 325 1.84 23.16 2.60
C THR A 325 0.87 22.46 3.54
N SER A 326 0.11 21.51 2.97
CA SER A 326 -0.87 20.75 3.74
C SER A 326 -0.90 19.33 3.16
N THR A 327 0.11 18.55 3.51
CA THR A 327 0.26 17.19 3.01
C THR A 327 -0.33 16.20 3.99
N ASN A 328 -1.01 15.19 3.47
CA ASN A 328 -1.69 14.20 4.31
C ASN A 328 -0.71 13.12 4.72
N PRO A 329 -0.45 12.93 6.02
CA PRO A 329 0.49 11.91 6.47
C PRO A 329 -0.13 10.57 6.85
N ILE A 330 -1.42 10.34 6.55
CA ILE A 330 -2.10 9.16 7.05
C ILE A 330 -1.58 7.90 6.36
N ALA A 331 -1.27 7.98 5.06
CA ALA A 331 -0.83 6.80 4.34
C ALA A 331 0.53 6.30 4.85
N SER A 332 1.46 7.22 5.13
CA SER A 332 2.76 6.80 5.63
C SER A 332 2.66 6.31 7.07
N ILE A 333 1.89 7.01 7.90
CA ILE A 333 1.66 6.56 9.28
C ILE A 333 1.10 5.16 9.30
N PHE A 334 0.08 4.90 8.47
CA PHE A 334 -0.51 3.58 8.40
C PHE A 334 0.42 2.56 7.74
N ALA A 335 1.39 3.01 6.95
CA ALA A 335 2.44 2.09 6.52
C ALA A 335 3.27 1.66 7.71
N TRP A 336 3.65 2.60 8.56
CA TRP A 336 4.41 2.26 9.76
C TRP A 336 3.61 1.35 10.70
N THR A 337 2.32 1.64 10.87
CA THR A 337 1.51 0.84 11.79
C THR A 337 1.20 -0.54 11.21
N ARG A 338 1.10 -0.65 9.89
CA ARG A 338 0.95 -1.97 9.29
C ARG A 338 2.23 -2.78 9.43
N GLY A 339 3.39 -2.15 9.23
CA GLY A 339 4.66 -2.84 9.42
C GLY A 339 4.85 -3.30 10.85
N LEU A 340 4.62 -2.40 11.81
CA LEU A 340 4.72 -2.77 13.21
C LEU A 340 3.68 -3.81 13.60
N ALA A 341 2.51 -3.78 12.94
CA ALA A 341 1.48 -4.75 13.24
C ALA A 341 1.89 -6.15 12.81
N HIS A 342 2.40 -6.28 11.58
CA HIS A 342 2.85 -7.59 11.11
C HIS A 342 4.07 -8.05 11.91
N ARG A 343 4.95 -7.12 12.29
CA ARG A 343 6.07 -7.47 13.14
C ARG A 343 5.59 -8.04 14.48
N ALA A 344 4.60 -7.38 15.08
CA ALA A 344 4.05 -7.88 16.34
C ALA A 344 3.38 -9.23 16.15
N LYS A 345 2.75 -9.46 15.01
CA LYS A 345 2.12 -10.75 14.75
C LYS A 345 3.18 -11.85 14.61
N LEU A 346 4.30 -11.55 13.96
CA LEU A 346 5.36 -12.53 13.81
C LEU A 346 6.04 -12.83 15.14
N ASP A 347 6.27 -11.80 15.96
CA ASP A 347 6.96 -11.95 17.22
C ASP A 347 6.03 -12.23 18.39
N ASN A 348 4.71 -12.22 18.16
CA ASN A 348 3.71 -12.35 19.23
C ASN A 348 3.92 -11.28 20.30
N ASN A 349 4.30 -10.09 19.85
CA ASN A 349 4.55 -8.95 20.74
C ASN A 349 3.22 -8.20 20.91
N LYS A 350 2.58 -8.37 22.06
CA LYS A 350 1.29 -7.74 22.29
C LYS A 350 1.43 -6.23 22.46
N GLU A 351 2.51 -5.77 23.10
CA GLU A 351 2.74 -4.34 23.27
C GLU A 351 2.83 -3.63 21.93
N LEU A 352 3.58 -4.20 20.99
CA LEU A 352 3.75 -3.57 19.68
C LEU A 352 2.43 -3.50 18.92
N ALA A 353 1.64 -4.58 18.97
CA ALA A 353 0.34 -4.58 18.29
C ALA A 353 -0.58 -3.53 18.90
N PHE A 354 -0.63 -3.46 20.23
CA PHE A 354 -1.44 -2.44 20.90
C PHE A 354 -0.98 -1.04 20.54
N PHE A 355 0.33 -0.85 20.35
CA PHE A 355 0.83 0.47 20.01
C PHE A 355 0.45 0.85 18.58
N ALA A 356 0.64 -0.06 17.62
CA ALA A 356 0.28 0.23 16.25
C ALA A 356 -1.22 0.51 16.11
N ASN A 357 -2.05 -0.36 16.68
CA ASN A 357 -3.48 -0.12 16.67
C ASN A 357 -3.82 1.21 17.35
N ALA A 358 -3.11 1.54 18.43
CA ALA A 358 -3.35 2.80 19.12
C ALA A 358 -3.02 3.99 18.22
N LEU A 359 -1.96 3.89 17.41
CA LEU A 359 -1.61 4.98 16.53
C LEU A 359 -2.63 5.14 15.41
N GLU A 360 -3.09 4.03 14.84
CA GLU A 360 -4.17 4.10 13.86
C GLU A 360 -5.40 4.76 14.45
N GLU A 361 -5.78 4.37 15.67
CA GLU A 361 -6.92 4.97 16.33
C GLU A 361 -6.70 6.47 16.57
N VAL A 362 -5.49 6.86 16.91
CA VAL A 362 -5.20 8.28 17.12
C VAL A 362 -5.36 9.05 15.82
N SER A 363 -4.91 8.48 14.70
CA SER A 363 -5.05 9.15 13.42
C SER A 363 -6.52 9.30 13.03
N ILE A 364 -7.27 8.19 13.04
CA ILE A 364 -8.67 8.24 12.62
C ILE A 364 -9.49 9.15 13.54
N GLU A 365 -9.27 9.04 14.85
CA GLU A 365 -10.00 9.87 15.79
C GLU A 365 -9.64 11.34 15.63
N THR A 366 -8.38 11.63 15.33
CA THR A 366 -7.97 13.02 15.11
C THR A 366 -8.63 13.60 13.87
N ILE A 367 -8.73 12.81 12.80
CA ILE A 367 -9.41 13.30 11.60
C ILE A 367 -10.90 13.48 11.88
N GLU A 368 -11.50 12.56 12.63
CA GLU A 368 -12.93 12.64 12.90
C GLU A 368 -13.29 13.75 13.87
N ALA A 369 -12.32 14.28 14.63
CA ALA A 369 -12.58 15.35 15.57
C ALA A 369 -12.68 16.72 14.90
N GLY A 370 -12.38 16.81 13.61
CA GLY A 370 -12.41 18.07 12.88
C GLY A 370 -11.04 18.61 12.50
N PHE A 371 -9.96 17.92 12.85
CA PHE A 371 -8.61 18.34 12.54
C PHE A 371 -8.08 17.51 11.38
N MET A 372 -7.82 18.15 10.25
CA MET A 372 -7.43 17.45 9.04
C MET A 372 -6.62 18.39 8.16
N THR A 373 -6.09 17.83 7.06
CA THR A 373 -5.34 18.61 6.09
C THR A 373 -6.30 19.21 5.06
N LYS A 374 -5.73 19.90 4.07
CA LYS A 374 -6.55 20.63 3.11
C LYS A 374 -7.27 19.69 2.15
N ASP A 375 -6.69 18.52 1.86
CA ASP A 375 -7.33 17.60 0.92
C ASP A 375 -8.60 17.01 1.49
N LEU A 376 -8.62 16.73 2.81
CA LEU A 376 -9.82 16.18 3.43
C LEU A 376 -10.89 17.25 3.57
N ALA A 377 -10.51 18.46 3.95
CA ALA A 377 -11.47 19.57 3.98
C ALA A 377 -12.06 19.81 2.59
N ALA A 378 -11.25 19.62 1.55
CA ALA A 378 -11.77 19.68 0.19
C ALA A 378 -12.68 18.51 -0.10
N CYS A 379 -12.43 17.34 0.51
CA CYS A 379 -13.35 16.22 0.35
C CYS A 379 -14.67 16.49 1.05
N ILE A 380 -14.69 17.36 2.06
CA ILE A 380 -15.92 17.65 2.78
C ILE A 380 -16.67 18.80 2.10
N LYS A 381 -16.13 20.01 2.18
CA LYS A 381 -16.84 21.19 1.71
C LYS A 381 -16.66 21.48 0.23
N GLY A 382 -15.77 20.76 -0.45
CA GLY A 382 -15.47 21.07 -1.83
C GLY A 382 -14.39 22.14 -1.93
N LEU A 383 -13.44 21.94 -2.84
CA LEU A 383 -12.26 22.81 -2.91
C LEU A 383 -12.58 24.30 -3.02
N PRO A 384 -13.55 24.75 -3.82
CA PRO A 384 -13.82 26.21 -3.86
C PRO A 384 -14.27 26.78 -2.53
N ASN A 385 -15.02 26.03 -1.73
CA ASN A 385 -15.56 26.51 -0.48
C ASN A 385 -14.63 26.24 0.71
N VAL A 386 -13.36 25.94 0.45
CA VAL A 386 -12.42 25.60 1.52
C VAL A 386 -11.73 26.88 1.98
N GLN A 387 -11.86 27.19 3.26
CA GLN A 387 -11.16 28.31 3.89
C GLN A 387 -9.95 27.79 4.67
N ARG A 388 -9.09 28.73 5.09
CA ARG A 388 -7.92 28.35 5.84
C ARG A 388 -8.27 27.77 7.20
N SER A 389 -9.36 28.25 7.81
CA SER A 389 -9.78 27.76 9.11
C SER A 389 -10.36 26.35 9.06
N ASP A 390 -10.57 25.81 7.86
CA ASP A 390 -11.15 24.47 7.71
C ASP A 390 -10.11 23.36 7.74
N TYR A 391 -8.83 23.70 7.79
CA TYR A 391 -7.78 22.68 7.78
C TYR A 391 -6.55 23.21 8.49
N LEU A 392 -5.64 22.30 8.80
CA LEU A 392 -4.34 22.61 9.37
C LEU A 392 -3.27 22.31 8.33
N ASN A 393 -2.11 22.95 8.50
CA ASN A 393 -0.99 22.70 7.59
C ASN A 393 -0.36 21.36 7.96
N THR A 394 0.78 21.05 7.33
CA THR A 394 1.44 19.78 7.58
C THR A 394 1.94 19.67 9.02
N PHE A 395 2.76 20.63 9.43
CA PHE A 395 3.38 20.56 10.75
C PHE A 395 2.37 20.72 11.88
N GLU A 396 1.33 21.54 11.66
CA GLU A 396 0.26 21.64 12.66
C GLU A 396 -0.45 20.31 12.83
N PHE A 397 -0.68 19.59 11.73
CA PHE A 397 -1.36 18.29 11.82
C PHE A 397 -0.48 17.25 12.48
N MET A 398 0.82 17.25 12.16
CA MET A 398 1.73 16.33 12.83
C MET A 398 1.82 16.62 14.32
N ASP A 399 1.84 17.91 14.69
CA ASP A 399 1.83 18.26 16.12
C ASP A 399 0.54 17.82 16.79
N LYS A 400 -0.59 17.96 16.10
CA LYS A 400 -1.86 17.50 16.66
C LYS A 400 -1.85 16.00 16.88
N LEU A 401 -1.35 15.23 15.90
CA LEU A 401 -1.23 13.80 16.07
C LEU A 401 -0.26 13.44 17.20
N GLY A 402 0.78 14.25 17.39
CA GLY A 402 1.69 14.00 18.51
C GLY A 402 1.02 14.20 19.85
N GLU A 403 0.26 15.29 19.99
CA GLU A 403 -0.44 15.56 21.24
C GLU A 403 -1.50 14.49 21.52
N ASN A 404 -2.26 14.11 20.50
CA ASN A 404 -3.33 13.13 20.71
C ASN A 404 -2.76 11.75 20.99
N LEU A 405 -1.68 11.37 20.30
CA LEU A 405 -1.04 10.09 20.60
C LEU A 405 -0.47 10.08 22.01
N LYS A 406 0.17 11.17 22.41
CA LYS A 406 0.68 11.28 23.78
C LYS A 406 -0.45 11.17 24.79
N ILE A 407 -1.61 11.75 24.48
CA ILE A 407 -2.74 11.70 25.42
C ILE A 407 -3.27 10.28 25.52
N LYS A 408 -3.52 9.63 24.38
CA LYS A 408 -4.07 8.27 24.42
C LYS A 408 -3.11 7.30 25.09
N LEU A 409 -1.82 7.40 24.78
CA LEU A 409 -0.84 6.55 25.46
C LEU A 409 -0.77 6.86 26.95
N ALA A 410 -0.96 8.12 27.33
CA ALA A 410 -1.00 8.46 28.76
C ALA A 410 -2.28 7.97 29.42
N GLN A 411 -3.37 7.85 28.66
CA GLN A 411 -4.61 7.35 29.21
C GLN A 411 -4.53 5.86 29.56
N ALA A 412 -3.59 5.13 28.98
CA ALA A 412 -3.42 3.70 29.27
C ALA A 412 -2.68 3.54 30.60
N LYS A 413 -3.38 3.92 31.67
CA LYS A 413 -2.88 3.78 33.03
C LYS A 413 -3.63 2.74 33.83
N LEU A 414 -4.47 1.93 33.17
CA LEU A 414 -5.23 0.86 33.80
C LEU A 414 -6.08 1.37 34.96
PA NDP B . 1.36 12.11 -6.11
O1A NDP B . 0.35 11.21 -5.50
O2A NDP B . 2.78 12.14 -5.62
O5B NDP B . 0.77 13.64 -6.16
C5B NDP B . -0.50 13.48 -6.70
C4B NDP B . -1.28 14.75 -6.47
O4B NDP B . -2.50 14.45 -5.77
C3B NDP B . -0.43 15.71 -5.61
O3B NDP B . 0.28 16.57 -6.42
C2B NDP B . -1.54 16.48 -4.91
O2B NDP B . -2.16 17.34 -5.70
C1B NDP B . -2.51 15.26 -4.60
N9A NDP B . -2.01 14.42 -3.48
C8A NDP B . -1.48 13.12 -3.54
N7A NDP B . -1.13 12.63 -2.33
C5A NDP B . -1.45 13.66 -1.45
C6A NDP B . -1.31 13.78 -0.05
N6A NDP B . -0.79 12.74 0.68
N1A NDP B . -1.70 14.91 0.61
C2A NDP B . -2.22 15.90 -0.19
N3A NDP B . -2.41 15.95 -1.52
C4A NDP B . -2.00 14.79 -2.15
O3 NDP B . 1.40 11.51 -7.65
PN NDP B . 2.35 12.42 -8.55
O1N NDP B . 1.83 12.39 -9.92
O2N NDP B . 2.85 13.69 -7.87
O5D NDP B . 3.86 11.54 -8.76
C5D NDP B . 4.82 12.25 -8.09
C4D NDP B . 5.97 11.32 -7.81
O4D NDP B . 5.48 10.19 -7.06
C3D NDP B . 6.49 10.77 -9.17
O3D NDP B . 7.84 11.02 -9.25
C2D NDP B . 6.20 9.26 -9.08
O2D NDP B . 7.24 8.49 -9.58
C1D NDP B . 6.17 9.06 -7.54
N1N NDP B . 5.40 7.86 -7.20
C2N NDP B . 5.94 6.93 -6.37
C3N NDP B . 5.16 6.01 -5.74
C7N NDP B . 5.85 5.07 -4.88
O7N NDP B . 5.28 4.30 -4.08
N7N NDP B . 7.23 5.04 -4.97
C4N NDP B . 3.69 5.97 -5.95
C5N NDP B . 3.28 6.77 -7.14
C6N NDP B . 4.10 7.66 -7.71
P2B NDP B . -3.13 18.60 -4.79
O1X NDP B . -4.23 18.73 -5.80
O2X NDP B . -3.47 17.90 -3.47
O3X NDP B . -2.09 19.68 -4.76
O2 6MX C . -8.58 0.52 -10.02
C17 6MX C . -9.79 0.53 -9.84
N2 6MX C . -10.64 0.16 -10.80
C18 6MX C . -10.14 -0.45 -12.02
C23 6MX C . -10.38 -1.95 -11.99
C22 6MX C . -11.87 -2.24 -11.94
C24 6MX C . -9.79 -2.60 -13.25
C25 6MX C . -10.46 -2.00 -14.48
O3 6MX C . -9.90 -2.58 -15.66
C26 6MX C . -11.96 -2.28 -14.43
C21 6MX C . -12.56 -1.65 -13.18
C20 6MX C . -12.32 -0.14 -13.21
C27 6MX C . -10.24 -0.49 -14.51
C19 6MX C . -10.82 0.14 -13.25
C9 6MX C . -10.31 0.95 -8.50
C8 6MX C . -9.42 1.50 -7.58
C7 6MX C . -9.88 1.90 -6.33
C10 6MX C . -11.64 0.81 -8.16
S 6MX C . -12.77 0.15 -9.23
C11 6MX C . -14.38 0.58 -8.64
C16 6MX C . -14.83 -0.43 -7.59
C15 6MX C . -16.20 -0.05 -7.04
C14 6MX C . -17.23 0.04 -8.16
C13 6MX C . -16.76 1.00 -9.25
C12 6MX C . -15.39 0.59 -9.77
N1 6MX C . -12.07 1.20 -6.94
C6 6MX C . -11.24 1.74 -6.03
N 6MX C . -11.74 2.11 -4.79
C4 6MX C . -13.14 1.87 -4.44
C3 6MX C . -13.11 2.03 -2.93
C5 6MX C . -10.91 2.76 -3.78
C2 6MX C . -11.72 2.50 -2.52
C1 6MX C . -11.83 3.76 -1.67
C 6MX C . -12.60 3.43 -0.41
O1 6MX C . -12.31 2.46 0.26
O 6MX C . -13.62 4.20 -0.02
#